data_2CFA
#
_entry.id   2CFA
#
_cell.length_a   69.264
_cell.length_b   76.991
_cell.length_c   93.437
_cell.angle_alpha   90.00
_cell.angle_beta   90.00
_cell.angle_gamma   90.00
#
_symmetry.space_group_name_H-M   'P 21 21 2'
#
loop_
_entity.id
_entity.type
_entity.pdbx_description
1 polymer 'THYMIDYLATE SYNTHASE'
2 polymer 'THYMIDYLATE SYNTHASE'
3 non-polymer 'FLAVIN-ADENINE DINUCLEOTIDE'
4 water water
#
loop_
_entity_poly.entity_id
_entity_poly.type
_entity_poly.pdbx_seq_one_letter_code
_entity_poly.pdbx_strand_id
1 'polypeptide(L)'
;MSAKLISVTKPVVEGVNTAEELIAYAARVSNPENQINNKTASGLLKY(CME)IRHKHWSIFETAFMTLELKTSRGIAAQV
LRHRSFHFQEFSQRYASVMETPPPHQARFQDHKNRQNSLDTVPEDDQTWWATEQEKLYAQSMELYNKALEKGIAKECARF
ILPLSTPTTIYMSGTIRDWIHYIELRTSNGTQREHIDLANACKEIFIKEFPSIAKALDWVH
;
A
2 'polypeptide(L)'
;MSAKLISVTKPVVEGVNTAEELIAYAARVSNPENQINNKTASGLLKY(CME)IRHKHWSIFETAFMTLELKTSRGIAAQV
IRHRSFHFQEFSQRYASVMETPPPHQARFQDHKNRQNSLDTVPEDDQTWWATEQEKLYAQSMELYNKALEKGIAKECARF
ILPLSTPTTIYMSGTIRDWIHYIELRTSNGTQREHIDLANACKEIFIKEFPSIAKALDWVH
;
B
#
# COMPACT_ATOMS: atom_id res chain seq x y z
N MET A 1 0.72 23.20 -0.03
CA MET A 1 -0.10 23.77 1.09
C MET A 1 -1.23 22.84 1.51
N SER A 2 -1.87 22.17 0.56
CA SER A 2 -3.08 21.36 0.84
C SER A 2 -2.98 19.86 0.49
N ALA A 3 -3.98 19.12 0.94
CA ALA A 3 -4.09 17.69 0.71
C ALA A 3 -5.54 17.30 0.46
N LYS A 4 -5.73 16.26 -0.35
CA LYS A 4 -7.04 15.77 -0.70
C LYS A 4 -6.95 14.24 -0.71
N LEU A 5 -7.96 13.57 -0.18
CA LEU A 5 -8.01 12.11 -0.25
C LEU A 5 -8.34 11.65 -1.69
N ILE A 6 -7.55 10.70 -2.20
CA ILE A 6 -7.74 10.17 -3.55
C ILE A 6 -8.38 8.79 -3.48
N SER A 7 -7.94 8.01 -2.50
CA SER A 7 -8.24 6.60 -2.48
C SER A 7 -7.84 5.97 -1.17
N VAL A 8 -8.59 4.96 -0.76
CA VAL A 8 -8.35 4.24 0.48
C VAL A 8 -8.82 2.79 0.34
N THR A 9 -8.14 1.92 1.09
CA THR A 9 -8.53 0.53 1.34
C THR A 9 -10.00 0.31 1.77
N LYS A 10 -10.73 -0.50 1.02
CA LYS A 10 -12.05 -0.95 1.47
C LYS A 10 -12.17 -2.49 1.50
N PRO A 11 -12.41 -3.07 2.69
CA PRO A 11 -12.58 -4.53 2.83
C PRO A 11 -13.80 -5.05 2.06
N VAL A 12 -13.71 -6.27 1.54
CA VAL A 12 -14.81 -6.84 0.74
C VAL A 12 -15.52 -7.96 1.50
N VAL A 13 -15.09 -8.20 2.74
CA VAL A 13 -15.66 -9.27 3.53
C VAL A 13 -16.82 -8.82 4.42
N GLU A 14 -17.67 -9.78 4.78
CA GLU A 14 -18.91 -9.51 5.51
C GLU A 14 -18.66 -9.03 6.95
N GLY A 15 -19.27 -7.91 7.29
CA GLY A 15 -19.22 -7.35 8.64
C GLY A 15 -18.13 -6.32 8.84
N VAL A 16 -17.26 -6.19 7.83
CA VAL A 16 -16.15 -5.25 7.86
C VAL A 16 -16.25 -4.34 6.64
N ASN A 17 -16.66 -3.09 6.88
CA ASN A 17 -17.02 -2.15 5.81
C ASN A 17 -16.03 -1.01 5.61
N THR A 18 -15.08 -0.85 6.53
CA THR A 18 -14.08 0.22 6.40
C THR A 18 -12.66 -0.31 6.59
N ALA A 19 -11.67 0.42 6.07
CA ALA A 19 -10.26 0.11 6.34
C ALA A 19 -9.98 -0.07 7.85
N GLU A 20 -10.50 0.83 8.67
CA GLU A 20 -10.20 0.80 10.11
C GLU A 20 -10.86 -0.37 10.85
N GLU A 21 -12.06 -0.74 10.39
CA GLU A 21 -12.76 -1.90 10.92
C GLU A 21 -11.97 -3.15 10.65
N LEU A 22 -11.29 -3.19 9.50
CA LEU A 22 -10.40 -4.31 9.17
C LEU A 22 -9.17 -4.28 10.07
N ILE A 23 -8.61 -3.11 10.29
CA ILE A 23 -7.50 -2.98 11.25
C ILE A 23 -7.90 -3.49 12.64
N ALA A 24 -9.08 -3.05 13.10
CA ALA A 24 -9.63 -3.41 14.42
C ALA A 24 -9.97 -4.90 14.52
N TYR A 25 -10.50 -5.43 13.41
CA TYR A 25 -10.79 -6.84 13.29
C TYR A 25 -9.52 -7.67 13.45
N ALA A 26 -8.44 -7.22 12.82
CA ALA A 26 -7.15 -7.90 12.88
C ALA A 26 -6.57 -7.89 14.31
N ALA A 27 -6.75 -6.77 15.01
CA ALA A 27 -6.31 -6.61 16.40
C ALA A 27 -7.13 -7.44 17.39
N ARG A 28 -8.39 -7.71 17.02
CA ARG A 28 -9.29 -8.54 17.82
C ARG A 28 -8.96 -10.02 17.75
N VAL A 29 -8.86 -10.58 16.55
CA VAL A 29 -8.44 -11.99 16.39
C VAL A 29 -6.94 -12.13 16.73
N SER A 30 -6.53 -11.34 17.71
CA SER A 30 -5.17 -11.32 18.25
C SER A 30 -5.23 -11.00 19.76
N ASN A 31 -6.45 -10.96 20.31
CA ASN A 31 -6.66 -10.71 21.74
C ASN A 31 -7.38 -11.88 22.44
N PRO A 32 -6.60 -12.79 23.07
CA PRO A 32 -7.27 -13.84 23.84
C PRO A 32 -7.96 -13.28 25.10
N GLU A 33 -7.41 -12.18 25.64
CA GLU A 33 -7.78 -11.71 26.98
C GLU A 33 -8.25 -10.25 27.08
N ASN A 34 -7.81 -9.39 26.16
CA ASN A 34 -8.15 -7.97 26.23
C ASN A 34 -9.38 -7.56 25.41
N GLN A 35 -10.56 -7.99 25.85
CA GLN A 35 -11.82 -7.69 25.15
C GLN A 35 -12.75 -6.76 25.92
N LYS A 39 -9.31 -2.90 25.82
CA LYS A 39 -10.55 -2.50 26.49
C LYS A 39 -11.51 -1.85 25.47
N THR A 40 -11.52 -0.51 25.37
CA THR A 40 -12.27 0.15 24.29
C THR A 40 -11.62 -0.13 22.93
N ALA A 41 -12.35 0.18 21.86
CA ALA A 41 -11.87 -0.04 20.49
C ALA A 41 -10.57 0.71 20.20
N SER A 42 -10.58 2.02 20.47
CA SER A 42 -9.39 2.85 20.35
C SER A 42 -8.33 2.43 21.38
N GLY A 43 -8.80 1.87 22.51
CA GLY A 43 -7.92 1.39 23.56
C GLY A 43 -7.16 0.14 23.16
N LEU A 44 -7.80 -0.72 22.39
CA LEU A 44 -7.17 -1.91 21.81
C LEU A 44 -6.04 -1.51 20.83
N LEU A 45 -6.35 -0.61 19.91
CA LEU A 45 -5.36 -0.13 18.94
C LEU A 45 -4.14 0.53 19.60
N LYS A 46 -4.40 1.36 20.61
CA LYS A 46 -3.33 2.01 21.39
C LYS A 46 -2.39 0.97 21.97
N TYR A 47 -2.97 -0.11 22.47
CA TYR A 47 -2.26 -1.24 23.04
C TYR A 47 -1.43 -1.93 21.98
N ILE A 49 -0.36 -0.55 19.17
CA ILE A 49 0.70 0.40 18.82
C ILE A 49 1.85 0.38 19.84
N ARG A 50 1.50 0.25 21.13
CA ARG A 50 2.45 0.30 22.24
C ARG A 50 3.35 -0.93 22.28
N HIS A 51 2.85 -2.07 21.79
CA HIS A 51 3.65 -3.29 21.78
C HIS A 51 4.28 -3.60 20.42
N LYS A 52 4.21 -2.62 19.52
CA LYS A 52 4.86 -2.64 18.21
C LYS A 52 4.35 -3.70 17.24
N HIS A 53 3.09 -4.09 17.42
CA HIS A 53 2.43 -5.03 16.51
C HIS A 53 2.00 -4.25 15.26
N TRP A 54 2.99 -3.85 14.45
CA TRP A 54 2.73 -2.89 13.36
C TRP A 54 1.91 -3.41 12.19
N SER A 55 1.92 -4.74 12.00
CA SER A 55 1.43 -5.33 10.76
C SER A 55 -0.09 -5.28 10.61
N ILE A 56 -0.81 -5.19 11.72
CA ILE A 56 -2.25 -4.96 11.65
C ILE A 56 -2.57 -3.60 11.00
N PHE A 57 -1.62 -2.66 11.08
CA PHE A 57 -1.77 -1.33 10.49
C PHE A 57 -1.27 -1.24 9.05
N GLU A 58 -0.73 -2.36 8.55
CA GLU A 58 -0.21 -2.45 7.19
C GLU A 58 -1.18 -3.17 6.24
N THR A 59 -2.39 -3.42 6.75
CA THR A 59 -3.49 -4.02 5.99
C THR A 59 -4.31 -2.94 5.29
N ALA A 60 -4.17 -1.70 5.76
CA ALA A 60 -4.83 -0.55 5.15
C ALA A 60 -3.81 0.34 4.44
N PHE A 61 -4.27 1.02 3.41
CA PHE A 61 -3.42 1.78 2.51
C PHE A 61 -4.27 2.93 2.02
N MET A 62 -3.67 4.12 1.95
CA MET A 62 -4.37 5.35 1.61
C MET A 62 -3.51 6.21 0.71
N THR A 63 -4.16 6.88 -0.24
CA THR A 63 -3.50 7.80 -1.16
C THR A 63 -4.05 9.21 -0.97
N LEU A 64 -3.15 10.18 -0.90
CA LEU A 64 -3.49 11.58 -0.80
C LEU A 64 -2.85 12.36 -1.92
N GLU A 65 -3.56 13.34 -2.44
CA GLU A 65 -2.98 14.25 -3.43
C GLU A 65 -2.50 15.48 -2.69
N LEU A 66 -1.20 15.77 -2.81
CA LEU A 66 -0.61 16.92 -2.16
C LEU A 66 -0.31 18.03 -3.15
N LYS A 67 -0.65 19.26 -2.76
CA LYS A 67 -0.26 20.46 -3.50
C LYS A 67 0.74 21.21 -2.66
N THR A 68 1.95 21.35 -3.18
CA THR A 68 3.05 22.01 -2.47
C THR A 68 4.02 22.63 -3.47
N SER A 69 5.22 22.97 -3.02
CA SER A 69 6.30 23.43 -3.91
C SER A 69 7.20 22.26 -4.30
N ARG A 70 7.98 22.39 -5.38
CA ARG A 70 9.00 21.38 -5.72
C ARG A 70 10.00 21.14 -4.57
N GLY A 71 10.38 22.19 -3.87
CA GLY A 71 11.29 22.12 -2.71
C GLY A 71 10.82 21.26 -1.55
N ILE A 72 9.54 21.39 -1.19
CA ILE A 72 8.94 20.60 -0.12
C ILE A 72 8.68 19.17 -0.61
N ALA A 73 8.21 19.04 -1.85
CA ALA A 73 8.03 17.73 -2.46
C ALA A 73 9.33 16.89 -2.43
N ALA A 74 10.46 17.49 -2.81
CA ALA A 74 11.74 16.76 -2.70
C ALA A 74 12.01 16.22 -1.29
N GLN A 75 11.61 16.97 -0.26
CA GLN A 75 11.73 16.52 1.12
C GLN A 75 10.77 15.37 1.41
N VAL A 76 9.54 15.50 0.91
CA VAL A 76 8.51 14.48 1.12
C VAL A 76 8.95 13.19 0.45
N LEU A 77 9.53 13.29 -0.74
CA LEU A 77 10.09 12.12 -1.46
C LEU A 77 11.04 11.25 -0.65
N ARG A 78 11.63 11.83 0.41
CA ARG A 78 12.58 11.11 1.23
C ARG A 78 11.94 10.07 2.15
N HIS A 79 10.63 10.18 2.34
CA HIS A 79 9.90 9.16 3.09
C HIS A 79 9.65 7.96 2.20
N ARG A 80 10.67 7.10 2.14
CA ARG A 80 10.79 6.09 1.08
C ARG A 80 9.90 4.85 1.26
N SER A 81 9.22 4.76 2.40
CA SER A 81 8.20 3.69 2.54
C SER A 81 6.94 4.01 1.72
N PHE A 82 6.80 5.27 1.30
CA PHE A 82 5.66 5.73 0.51
C PHE A 82 5.92 5.58 -0.97
N HIS A 83 4.83 5.49 -1.73
CA HIS A 83 4.89 5.42 -3.18
C HIS A 83 4.31 6.71 -3.69
N PHE A 84 4.93 7.24 -4.73
CA PHE A 84 4.56 8.54 -5.25
C PHE A 84 4.19 8.47 -6.73
N GLN A 85 3.52 9.51 -7.19
CA GLN A 85 3.20 9.70 -8.58
C GLN A 85 3.29 11.20 -8.84
N GLU A 86 4.07 11.56 -9.86
CA GLU A 86 4.20 12.94 -10.28
C GLU A 86 3.65 13.09 -11.69
N PHE A 87 3.24 14.31 -12.02
CA PHE A 87 2.51 14.59 -13.25
C PHE A 87 3.18 15.78 -13.89
N SER A 88 3.02 15.92 -15.19
CA SER A 88 3.61 17.04 -15.90
C SER A 88 2.63 18.20 -16.09
N GLN A 89 3.17 19.42 -16.01
CA GLN A 89 2.58 20.62 -16.61
C GLN A 89 3.68 21.67 -16.71
N THR A 124 7.74 42.82 4.17
CA THR A 124 9.17 42.69 3.87
C THR A 124 9.47 42.89 2.38
N TRP A 125 10.69 43.36 2.11
CA TRP A 125 11.20 43.55 0.75
C TRP A 125 11.43 42.23 0.02
N TRP A 126 11.74 41.17 0.78
CA TRP A 126 11.99 39.83 0.25
C TRP A 126 10.82 39.26 -0.56
N ALA A 127 9.60 39.58 -0.13
CA ALA A 127 8.39 39.13 -0.81
C ALA A 127 8.21 39.80 -2.18
N THR A 128 8.73 41.02 -2.32
CA THR A 128 8.65 41.78 -3.56
C THR A 128 9.57 41.22 -4.65
N GLU A 129 10.80 40.91 -4.26
CA GLU A 129 11.81 40.43 -5.21
C GLU A 129 11.73 38.93 -5.51
N GLN A 130 10.99 38.19 -4.68
CA GLN A 130 10.60 36.81 -4.99
C GLN A 130 9.60 36.79 -6.15
N GLU A 131 8.74 37.79 -6.18
CA GLU A 131 7.70 37.90 -7.21
C GLU A 131 8.26 38.31 -8.57
N LYS A 132 9.31 39.14 -8.57
CA LYS A 132 9.90 39.59 -9.84
C LYS A 132 10.67 38.48 -10.52
N LEU A 133 11.57 37.82 -9.79
CA LEU A 133 12.34 36.69 -10.32
C LEU A 133 11.44 35.57 -10.85
N TYR A 134 10.44 35.19 -10.06
CA TYR A 134 9.50 34.13 -10.43
C TYR A 134 8.79 34.46 -11.74
N ALA A 135 8.22 35.65 -11.82
CA ALA A 135 7.55 36.13 -13.03
C ALA A 135 8.53 36.19 -14.22
N GLN A 136 9.76 36.57 -13.92
CA GLN A 136 10.83 36.65 -14.92
C GLN A 136 11.31 35.25 -15.34
N SER A 137 11.23 34.29 -14.42
CA SER A 137 11.57 32.89 -14.69
C SER A 137 10.50 32.21 -15.52
N MET A 138 9.24 32.54 -15.24
CA MET A 138 8.08 32.02 -15.98
C MET A 138 7.99 32.60 -17.38
N GLU A 139 8.46 33.83 -17.53
CA GLU A 139 8.48 34.53 -18.81
C GLU A 139 9.41 33.81 -19.79
N LEU A 140 10.64 33.57 -19.34
CA LEU A 140 11.64 32.83 -20.12
C LEU A 140 11.19 31.39 -20.38
N TYR A 141 10.62 30.75 -19.37
CA TYR A 141 10.10 29.39 -19.50
C TYR A 141 9.11 29.30 -20.66
N ASN A 142 8.13 30.22 -20.68
CA ASN A 142 7.15 30.32 -21.75
C ASN A 142 7.79 30.57 -23.11
N LYS A 143 8.72 31.53 -23.15
CA LYS A 143 9.45 31.87 -24.38
C LYS A 143 10.15 30.65 -24.96
N ALA A 144 10.88 29.92 -24.11
CA ALA A 144 11.62 28.72 -24.54
C ALA A 144 10.72 27.66 -25.16
N LEU A 145 9.59 27.36 -24.50
CA LEU A 145 8.61 26.41 -25.01
C LEU A 145 8.02 26.88 -26.35
N GLU A 146 7.77 28.18 -26.44
CA GLU A 146 7.26 28.80 -27.67
C GLU A 146 8.27 28.68 -28.80
N LYS A 147 9.55 28.83 -28.46
CA LYS A 147 10.64 28.77 -29.44
C LYS A 147 11.21 27.36 -29.61
N GLY A 148 10.38 26.34 -29.40
CA GLY A 148 10.72 24.96 -29.71
C GLY A 148 11.34 24.11 -28.61
N ILE A 149 11.97 24.74 -27.62
CA ILE A 149 12.73 24.03 -26.58
C ILE A 149 11.87 23.03 -25.80
N ALA A 150 12.45 21.84 -25.57
CA ALA A 150 11.76 20.74 -24.91
C ALA A 150 11.33 21.07 -23.47
N LYS A 151 10.24 20.44 -23.03
CA LYS A 151 9.70 20.60 -21.69
C LYS A 151 10.71 20.29 -20.58
N GLU A 152 11.52 19.25 -20.79
CA GLU A 152 12.45 18.75 -19.77
C GLU A 152 13.69 19.63 -19.63
N CYS A 153 14.04 20.36 -20.69
CA CYS A 153 15.14 21.32 -20.67
C CYS A 153 14.72 22.64 -20.02
N ALA A 154 13.51 23.10 -20.38
CA ALA A 154 12.95 24.34 -19.87
C ALA A 154 12.65 24.26 -18.37
N ARG A 155 12.19 23.09 -17.92
CA ARG A 155 11.93 22.80 -16.50
C ARG A 155 13.06 23.18 -15.54
N PHE A 156 14.29 23.15 -16.02
CA PHE A 156 15.47 23.41 -15.19
C PHE A 156 15.66 24.85 -14.75
N ILE A 157 14.93 25.78 -15.36
CA ILE A 157 15.02 27.19 -14.99
C ILE A 157 14.00 27.56 -13.90
N LEU A 158 13.05 26.65 -13.66
CA LEU A 158 12.03 26.79 -12.64
C LEU A 158 12.62 26.73 -11.22
N PRO A 159 12.22 27.67 -10.34
CA PRO A 159 12.71 27.70 -8.96
C PRO A 159 12.08 26.62 -8.08
N LEU A 160 12.70 26.30 -6.94
CA LEU A 160 12.16 25.29 -6.02
C LEU A 160 10.79 25.66 -5.42
N SER A 161 10.41 26.93 -5.54
CA SER A 161 9.13 27.41 -5.03
C SER A 161 7.96 27.13 -5.97
N THR A 162 8.25 26.70 -7.19
CA THR A 162 7.21 26.44 -8.20
C THR A 162 6.23 25.33 -7.77
N PRO A 163 4.92 25.55 -8.01
CA PRO A 163 3.88 24.64 -7.53
C PRO A 163 3.99 23.28 -8.17
N THR A 164 3.62 22.27 -7.40
CA THR A 164 3.55 20.90 -7.92
C THR A 164 2.46 20.14 -7.19
N THR A 165 1.88 19.16 -7.88
CA THR A 165 0.94 18.25 -7.25
C THR A 165 1.45 16.82 -7.39
N ILE A 166 1.34 16.03 -6.32
CA ILE A 166 1.87 14.67 -6.25
C ILE A 166 0.92 13.76 -5.47
N TYR A 167 0.89 12.47 -5.83
CA TYR A 167 0.19 11.46 -5.04
C TYR A 167 1.19 10.85 -4.06
N MET A 168 0.71 10.57 -2.86
CA MET A 168 1.50 9.96 -1.83
C MET A 168 0.64 8.82 -1.28
N SER A 169 1.14 7.59 -1.41
CA SER A 169 0.41 6.38 -1.06
C SER A 169 1.23 5.58 -0.08
N GLY A 170 0.60 5.14 1.00
CA GLY A 170 1.28 4.32 1.98
C GLY A 170 0.36 3.59 2.91
N THR A 171 0.89 2.60 3.62
CA THR A 171 0.08 1.87 4.59
C THR A 171 -0.27 2.84 5.73
N ILE A 172 -1.27 2.48 6.54
CA ILE A 172 -1.69 3.35 7.64
C ILE A 172 -0.54 3.56 8.66
N ARG A 173 0.18 2.47 8.96
CA ARG A 173 1.45 2.51 9.71
C ARG A 173 2.38 3.65 9.26
N ASP A 174 2.58 3.77 7.95
CA ASP A 174 3.55 4.71 7.41
C ASP A 174 3.08 6.16 7.56
N TRP A 175 1.78 6.36 7.39
CA TRP A 175 1.12 7.64 7.64
C TRP A 175 1.25 8.13 9.09
N ILE A 176 1.07 7.22 10.04
CA ILE A 176 1.19 7.50 11.48
C ILE A 176 2.55 8.17 11.77
N HIS A 177 3.64 7.51 11.39
CA HIS A 177 4.98 8.03 11.67
C HIS A 177 5.40 9.18 10.78
N TYR A 178 4.78 9.32 9.61
CA TYR A 178 5.05 10.47 8.78
C TYR A 178 4.42 11.72 9.42
N ILE A 179 3.12 11.64 9.68
CA ILE A 179 2.39 12.73 10.34
C ILE A 179 3.03 13.09 11.68
N GLU A 180 3.22 12.08 12.54
CA GLU A 180 3.90 12.22 13.84
C GLU A 180 5.15 13.07 13.69
N LEU A 181 6.05 12.65 12.79
CA LEU A 181 7.32 13.30 12.61
C LEU A 181 7.19 14.72 12.06
N ARG A 182 6.45 14.86 10.97
CA ARG A 182 6.45 16.11 10.22
C ARG A 182 5.53 17.21 10.77
N THR A 183 4.75 16.88 11.80
CA THR A 183 3.95 17.88 12.54
C THR A 183 4.72 18.47 13.75
N SER A 184 5.82 17.85 14.12
CA SER A 184 6.62 18.26 15.28
C SER A 184 7.72 19.25 14.91
N ASN A 185 7.98 20.19 15.82
CA ASN A 185 9.03 21.19 15.66
C ASN A 185 10.36 20.56 15.24
N GLY A 186 11.06 21.24 14.35
CA GLY A 186 12.24 20.68 13.71
C GLY A 186 12.11 20.62 12.19
N THR A 187 10.94 20.20 11.72
CA THR A 187 10.64 20.27 10.29
C THR A 187 10.19 21.69 9.97
N GLN A 188 10.41 22.13 8.73
CA GLN A 188 10.16 23.53 8.38
C GLN A 188 8.67 23.82 8.18
N ARG A 189 8.30 25.08 8.35
CA ARG A 189 6.91 25.52 8.43
C ARG A 189 6.00 25.00 7.32
N GLU A 190 6.42 25.21 6.07
CA GLU A 190 5.63 24.77 4.91
C GLU A 190 5.34 23.27 4.97
N HIS A 191 6.31 22.51 5.46
CA HIS A 191 6.15 21.07 5.59
C HIS A 191 5.22 20.69 6.74
N ILE A 192 5.35 21.37 7.88
CA ILE A 192 4.42 21.20 8.99
C ILE A 192 2.98 21.41 8.55
N ASP A 193 2.75 22.43 7.73
CA ASP A 193 1.42 22.78 7.24
C ASP A 193 0.81 21.67 6.39
N LEU A 194 1.63 21.08 5.52
CA LEU A 194 1.25 19.98 4.61
C LEU A 194 0.95 18.71 5.39
N ALA A 195 1.82 18.40 6.35
CA ALA A 195 1.60 17.26 7.22
C ALA A 195 0.36 17.42 8.13
N ASN A 196 0.01 18.66 8.49
CA ASN A 196 -1.23 18.93 9.27
C ASN A 196 -2.46 18.75 8.37
N ALA A 197 -2.30 19.03 7.07
CA ALA A 197 -3.37 18.79 6.08
C ALA A 197 -3.63 17.31 5.88
N CYS A 198 -2.57 16.51 5.85
CA CYS A 198 -2.70 15.03 5.81
C CYS A 198 -3.33 14.46 7.08
N LYS A 199 -2.98 15.04 8.23
CA LYS A 199 -3.44 14.57 9.54
C LYS A 199 -4.94 14.74 9.66
N GLU A 200 -5.44 15.86 9.16
CA GLU A 200 -6.87 16.17 9.11
C GLU A 200 -7.64 15.10 8.33
N ILE A 201 -7.10 14.71 7.18
CA ILE A 201 -7.70 13.62 6.39
C ILE A 201 -7.58 12.26 7.10
N PHE A 202 -6.40 11.97 7.65
CA PHE A 202 -6.18 10.73 8.40
C PHE A 202 -7.23 10.57 9.51
N ILE A 203 -7.47 11.64 10.26
CA ILE A 203 -8.41 11.62 11.40
C ILE A 203 -9.84 11.35 10.94
N LYS A 204 -10.21 11.88 9.79
CA LYS A 204 -11.53 11.59 9.20
C LYS A 204 -11.74 10.14 8.83
N GLU A 205 -10.67 9.49 8.36
CA GLU A 205 -10.74 8.11 7.88
C GLU A 205 -10.49 7.12 9.00
N PHE A 206 -9.66 7.51 9.94
CA PHE A 206 -9.25 6.58 10.99
C PHE A 206 -9.54 7.18 12.38
N PRO A 207 -10.82 7.51 12.66
CA PRO A 207 -11.10 8.29 13.89
C PRO A 207 -10.72 7.55 15.16
N SER A 208 -10.73 6.23 15.10
CA SER A 208 -10.40 5.39 16.24
C SER A 208 -8.88 5.26 16.51
N ILE A 209 -8.07 5.28 15.46
CA ILE A 209 -6.60 5.35 15.65
C ILE A 209 -6.20 6.73 16.18
N ALA A 210 -6.76 7.78 15.57
CA ALA A 210 -6.57 9.14 16.05
C ALA A 210 -6.84 9.29 17.54
N LYS A 211 -7.98 8.76 18.01
CA LYS A 211 -8.32 8.71 19.43
C LYS A 211 -7.25 7.96 20.24
N ALA A 212 -6.75 6.87 19.67
CA ALA A 212 -5.70 6.05 20.29
C ALA A 212 -4.39 6.84 20.43
N LEU A 213 -4.23 7.85 19.58
CA LEU A 213 -3.04 8.69 19.56
C LEU A 213 -3.24 10.10 20.11
N ASP A 214 -4.46 10.42 20.57
CA ASP A 214 -4.79 11.76 21.06
C ASP A 214 -4.69 12.83 19.96
N TRP A 215 -4.90 12.45 18.71
CA TRP A 215 -4.91 13.37 17.58
C TRP A 215 -6.29 14.00 17.42
N VAL A 216 -6.34 15.33 17.33
CA VAL A 216 -7.61 16.04 17.19
C VAL A 216 -7.54 17.06 16.07
N HIS A 217 -8.70 17.45 15.55
CA HIS A 217 -8.80 18.46 14.51
C HIS A 217 -8.46 19.84 15.04
N MET B 1 -5.36 -24.80 0.34
CA MET B 1 -4.39 -24.56 -0.79
C MET B 1 -4.75 -23.30 -1.60
N SER B 2 -5.40 -22.33 -0.95
CA SER B 2 -6.20 -21.33 -1.66
C SER B 2 -6.03 -19.88 -1.22
N ALA B 3 -6.82 -19.00 -1.83
CA ALA B 3 -6.76 -17.56 -1.58
C ALA B 3 -8.13 -16.89 -1.69
N LYS B 4 -8.35 -15.87 -0.88
CA LYS B 4 -9.54 -15.02 -1.07
C LYS B 4 -9.22 -13.54 -0.97
N LEU B 5 -10.00 -12.72 -1.67
CA LEU B 5 -9.87 -11.28 -1.57
C LEU B 5 -10.38 -10.85 -0.20
N ILE B 6 -9.63 -9.99 0.48
CA ILE B 6 -10.00 -9.50 1.80
C ILE B 6 -10.33 -8.02 1.65
N SER B 7 -9.59 -7.34 0.77
CA SER B 7 -9.57 -5.90 0.75
C SER B 7 -8.84 -5.36 -0.45
N VAL B 8 -9.33 -4.26 -0.99
CA VAL B 8 -8.67 -3.58 -2.08
C VAL B 8 -8.97 -2.09 -2.07
N THR B 9 -8.01 -1.33 -2.58
CA THR B 9 -8.10 0.09 -2.92
C THR B 9 -9.41 0.46 -3.60
N LYS B 10 -10.14 1.40 -2.99
CA LYS B 10 -11.31 2.03 -3.62
C LYS B 10 -11.18 3.55 -3.75
N PRO B 11 -11.01 4.07 -4.98
CA PRO B 11 -10.94 5.53 -5.17
C PRO B 11 -12.21 6.29 -4.78
N VAL B 12 -12.05 7.57 -4.50
CA VAL B 12 -13.15 8.45 -4.12
C VAL B 12 -13.16 9.71 -4.98
N VAL B 13 -12.31 9.74 -6.00
CA VAL B 13 -12.32 10.85 -6.97
C VAL B 13 -13.50 10.65 -7.95
N GLU B 14 -13.89 11.71 -8.66
CA GLU B 14 -15.09 11.63 -9.51
C GLU B 14 -14.77 10.99 -10.86
N GLY B 15 -15.56 9.98 -11.22
CA GLY B 15 -15.39 9.28 -12.50
C GLY B 15 -14.35 8.19 -12.44
N VAL B 16 -13.80 7.96 -11.25
CA VAL B 16 -12.90 6.83 -11.03
C VAL B 16 -13.49 5.96 -9.95
N ASN B 17 -13.89 4.77 -10.35
CA ASN B 17 -14.73 3.94 -9.52
C ASN B 17 -13.99 2.78 -8.88
N THR B 18 -13.03 2.22 -9.61
CA THR B 18 -12.30 1.04 -9.17
C THR B 18 -10.81 1.32 -9.02
N ALA B 19 -10.10 0.41 -8.37
CA ALA B 19 -8.64 0.44 -8.30
C ALA B 19 -8.00 0.49 -9.70
N GLU B 20 -8.47 -0.36 -10.61
CA GLU B 20 -7.89 -0.40 -11.95
C GLU B 20 -8.04 0.92 -12.70
N GLU B 21 -9.19 1.57 -12.51
CA GLU B 21 -9.50 2.84 -13.12
C GLU B 21 -8.63 3.97 -12.60
N LEU B 22 -8.18 3.87 -11.36
CA LEU B 22 -7.27 4.86 -10.80
C LEU B 22 -5.88 4.74 -11.42
N ILE B 23 -5.40 3.51 -11.51
CA ILE B 23 -4.13 3.22 -12.22
C ILE B 23 -4.15 3.77 -13.64
N ALA B 24 -5.23 3.54 -14.37
CA ALA B 24 -5.35 4.03 -15.76
C ALA B 24 -5.44 5.56 -15.79
N TYR B 25 -6.14 6.13 -14.81
CA TYR B 25 -6.28 7.57 -14.68
C TYR B 25 -4.95 8.24 -14.30
N ALA B 26 -4.21 7.65 -13.37
CA ALA B 26 -2.87 8.17 -13.04
C ALA B 26 -1.97 8.14 -14.27
N ALA B 27 -1.98 7.03 -15.00
CA ALA B 27 -1.25 6.92 -16.27
C ALA B 27 -1.55 8.10 -17.18
N ARG B 28 -2.84 8.39 -17.35
CA ARG B 28 -3.28 9.38 -18.34
C ARG B 28 -2.95 10.82 -17.93
N VAL B 29 -3.18 11.15 -16.66
CA VAL B 29 -2.89 12.51 -16.17
C VAL B 29 -1.41 12.79 -15.90
N SER B 30 -0.59 11.74 -15.76
CA SER B 30 0.88 11.90 -15.76
C SER B 30 1.37 12.63 -17.01
N ASN B 31 0.83 12.22 -18.16
CA ASN B 31 1.23 12.75 -19.45
C ASN B 31 -0.01 13.07 -20.29
N PRO B 32 -0.65 14.23 -20.01
CA PRO B 32 -1.95 14.52 -20.65
C PRO B 32 -1.87 14.61 -22.16
N GLU B 33 -0.73 15.09 -22.67
CA GLU B 33 -0.48 15.23 -24.12
C GLU B 33 -0.38 13.91 -24.89
N ASN B 34 0.16 12.87 -24.24
CA ASN B 34 0.39 11.57 -24.88
C ASN B 34 -0.79 11.05 -25.71
N GLN B 35 -0.52 10.76 -26.98
CA GLN B 35 -1.51 10.15 -27.89
C GLN B 35 -1.80 8.73 -27.45
N ILE B 36 -0.91 8.20 -26.63
CA ILE B 36 -1.06 6.89 -26.02
C ILE B 36 -2.32 6.82 -25.12
N ASN B 37 -2.72 7.96 -24.56
CA ASN B 37 -3.91 8.04 -23.70
C ASN B 37 -5.20 7.67 -24.42
N ASN B 38 -5.16 7.73 -25.76
CA ASN B 38 -6.33 7.41 -26.60
C ASN B 38 -6.55 5.91 -26.79
N LYS B 39 -5.69 5.10 -26.21
CA LYS B 39 -5.83 3.66 -26.28
C LYS B 39 -6.85 3.19 -25.26
N THR B 40 -7.34 1.97 -25.43
CA THR B 40 -8.07 1.29 -24.37
C THR B 40 -7.14 1.23 -23.16
N ALA B 41 -7.71 1.05 -21.97
CA ALA B 41 -6.92 0.97 -20.74
C ALA B 41 -5.87 -0.12 -20.86
N SER B 42 -6.26 -1.28 -21.37
CA SER B 42 -5.33 -2.41 -21.47
C SER B 42 -4.22 -2.11 -22.47
N GLY B 43 -4.52 -1.27 -23.46
CA GLY B 43 -3.52 -0.84 -24.44
C GLY B 43 -2.51 0.12 -23.81
N LEU B 44 -3.02 1.11 -23.08
CA LEU B 44 -2.23 2.08 -22.36
C LEU B 44 -1.31 1.37 -21.36
N LEU B 45 -1.89 0.48 -20.56
CA LEU B 45 -1.20 -0.17 -19.45
C LEU B 45 -0.11 -1.14 -19.91
N LYS B 46 -0.33 -1.78 -21.05
CA LYS B 46 0.72 -2.59 -21.69
C LYS B 46 2.00 -1.77 -21.86
N TYR B 47 1.85 -0.53 -22.32
CA TYR B 47 2.99 0.37 -22.52
C TYR B 47 3.60 0.89 -21.22
N ILE B 49 3.65 -0.68 -18.54
CA ILE B 49 4.43 -1.83 -18.09
C ILE B 49 5.75 -1.92 -18.87
N ARG B 50 5.65 -1.86 -20.19
CA ARG B 50 6.79 -1.96 -21.08
C ARG B 50 7.84 -0.85 -20.81
N HIS B 51 7.38 0.36 -20.51
CA HIS B 51 8.27 1.50 -20.23
C HIS B 51 8.83 1.52 -18.80
N LYS B 52 8.40 0.59 -17.96
CA LYS B 52 8.79 0.52 -16.56
C LYS B 52 8.28 1.71 -15.69
N HIS B 53 7.16 2.31 -16.11
CA HIS B 53 6.47 3.40 -15.36
C HIS B 53 5.69 2.74 -14.23
N TRP B 54 6.42 2.24 -13.24
CA TRP B 54 5.82 1.37 -12.21
C TRP B 54 4.94 2.06 -11.16
N SER B 55 5.09 3.36 -10.97
CA SER B 55 4.45 4.04 -9.82
C SER B 55 2.94 4.14 -9.95
N ILE B 56 2.44 4.09 -11.18
CA ILE B 56 0.99 4.10 -11.38
C ILE B 56 0.38 2.83 -10.81
N PHE B 57 1.14 1.73 -10.83
CA PHE B 57 0.68 0.45 -10.28
C PHE B 57 0.89 0.36 -8.77
N GLU B 58 1.37 1.44 -8.18
CA GLU B 58 1.55 1.53 -6.74
C GLU B 58 0.55 2.53 -6.09
N THR B 59 -0.49 2.89 -6.86
CA THR B 59 -1.61 3.68 -6.34
C THR B 59 -2.70 2.76 -5.78
N ALA B 60 -2.50 1.46 -5.93
CA ALA B 60 -3.50 0.48 -5.59
C ALA B 60 -2.84 -0.61 -4.76
N PHE B 61 -3.62 -1.18 -3.87
CA PHE B 61 -3.17 -2.06 -2.82
C PHE B 61 -4.29 -3.04 -2.70
N MET B 62 -3.92 -4.30 -2.50
CA MET B 62 -4.85 -5.40 -2.41
C MET B 62 -4.34 -6.30 -1.33
N THR B 63 -5.25 -6.95 -0.61
CA THR B 63 -4.84 -7.97 0.35
C THR B 63 -5.61 -9.26 0.24
N LEU B 64 -4.87 -10.36 0.34
CA LEU B 64 -5.45 -11.68 0.20
C LEU B 64 -5.15 -12.52 1.40
N GLU B 65 -6.12 -13.36 1.73
CA GLU B 65 -5.93 -14.38 2.74
C GLU B 65 -5.48 -15.64 2.04
N LEU B 66 -4.37 -16.19 2.50
CA LEU B 66 -3.82 -17.39 1.89
C LEU B 66 -3.90 -18.54 2.87
N LYS B 67 -4.36 -19.68 2.35
CA LYS B 67 -4.35 -20.93 3.10
C LYS B 67 -3.30 -21.82 2.45
N THR B 68 -2.29 -22.17 3.22
CA THR B 68 -1.15 -22.94 2.73
C THR B 68 -0.50 -23.64 3.92
N SER B 69 0.70 -24.17 3.75
CA SER B 69 1.43 -24.74 4.88
C SER B 69 2.46 -23.78 5.45
N ARG B 70 3.08 -24.16 6.58
CA ARG B 70 4.15 -23.38 7.18
C ARG B 70 5.42 -23.36 6.34
N GLY B 71 5.64 -24.42 5.57
CA GLY B 71 6.78 -24.51 4.66
C GLY B 71 6.69 -23.50 3.52
N ILE B 72 5.51 -23.41 2.91
CA ILE B 72 5.27 -22.50 1.80
C ILE B 72 5.16 -21.06 2.26
N ALA B 73 4.44 -20.82 3.36
CA ALA B 73 4.32 -19.48 3.91
C ALA B 73 5.69 -18.87 4.24
N ALA B 74 6.60 -19.66 4.79
CA ALA B 74 7.98 -19.21 5.04
C ALA B 74 8.67 -18.71 3.76
N GLN B 75 8.38 -19.37 2.64
CA GLN B 75 8.90 -18.97 1.35
C GLN B 75 8.23 -17.70 0.83
N VAL B 76 6.92 -17.62 1.03
CA VAL B 76 6.12 -16.48 0.61
C VAL B 76 6.55 -15.25 1.39
N ILE B 77 6.85 -15.44 2.68
CA ILE B 77 7.34 -14.40 3.58
C ILE B 77 8.58 -13.66 3.05
N ARG B 78 9.28 -14.28 2.09
CA ARG B 78 10.53 -13.71 1.55
C ARG B 78 10.33 -12.61 0.51
N HIS B 79 9.10 -12.49 0.01
CA HIS B 79 8.69 -11.34 -0.81
C HIS B 79 8.46 -10.15 0.11
N ARG B 80 9.56 -9.51 0.45
CA ARG B 80 9.62 -8.48 1.50
C ARG B 80 8.95 -7.13 1.16
N SER B 81 8.51 -6.96 -0.09
CA SER B 81 7.78 -5.76 -0.46
C SER B 81 6.34 -5.85 0.04
N PHE B 82 5.91 -7.06 0.38
CA PHE B 82 4.55 -7.31 0.88
C PHE B 82 4.49 -7.15 2.40
N HIS B 83 3.29 -6.91 2.90
CA HIS B 83 3.03 -6.84 4.32
C HIS B 83 2.20 -8.04 4.66
N PHE B 84 2.55 -8.70 5.75
CA PHE B 84 1.86 -9.92 6.18
C PHE B 84 1.23 -9.77 7.57
N GLN B 85 0.16 -10.50 7.80
CA GLN B 85 -0.43 -10.62 9.12
C GLN B 85 -0.70 -12.09 9.37
N GLU B 86 -0.21 -12.59 10.49
CA GLU B 86 -0.46 -13.98 10.90
C GLU B 86 -1.32 -14.04 12.17
N PHE B 87 -2.12 -15.08 12.26
CA PHE B 87 -3.04 -15.27 13.39
C PHE B 87 -2.74 -16.60 14.06
N SER B 88 -3.01 -16.67 15.37
CA SER B 88 -2.78 -17.87 16.18
C SER B 88 -3.58 -19.08 15.67
N PRO B 98 -9.02 -6.88 -14.69
CA PRO B 98 -9.17 -7.58 -15.99
C PRO B 98 -8.23 -7.04 -17.03
N TRP B 125 3.03 -44.99 0.51
CA TRP B 125 3.91 -45.17 1.66
C TRP B 125 4.30 -43.83 2.28
N TRP B 126 4.70 -42.87 1.44
CA TRP B 126 5.06 -41.53 1.90
C TRP B 126 3.87 -40.84 2.54
N ALA B 127 2.72 -40.92 1.87
CA ALA B 127 1.45 -40.40 2.40
C ALA B 127 0.93 -41.21 3.58
N THR B 128 1.59 -42.33 3.88
CA THR B 128 1.22 -43.19 5.01
C THR B 128 2.08 -42.86 6.23
N GLU B 129 3.40 -42.81 6.04
CA GLU B 129 4.35 -42.50 7.12
C GLU B 129 4.23 -41.05 7.59
N GLN B 130 3.88 -40.16 6.68
CA GLN B 130 3.60 -38.76 7.01
C GLN B 130 2.37 -38.64 7.90
N GLU B 131 1.30 -39.37 7.53
CA GLU B 131 0.05 -39.36 8.29
C GLU B 131 0.18 -39.98 9.68
N LYS B 132 1.05 -40.96 9.83
CA LYS B 132 1.35 -41.53 11.14
C LYS B 132 2.11 -40.53 12.02
N LEU B 133 3.08 -39.84 11.42
CA LEU B 133 3.90 -38.86 12.13
C LEU B 133 3.13 -37.57 12.45
N TYR B 134 2.33 -37.11 11.49
CA TYR B 134 1.53 -35.90 11.66
C TYR B 134 0.49 -36.07 12.77
N ALA B 135 -0.17 -37.22 12.79
CA ALA B 135 -1.15 -37.55 13.83
C ALA B 135 -0.48 -37.68 15.20
N GLN B 136 0.77 -38.14 15.18
CA GLN B 136 1.58 -38.30 16.39
C GLN B 136 2.01 -36.95 16.97
N SER B 137 2.35 -36.01 16.09
CA SER B 137 2.74 -34.66 16.48
C SER B 137 1.58 -33.89 17.09
N MET B 138 0.42 -33.95 16.43
CA MET B 138 -0.79 -33.26 16.88
C MET B 138 -1.32 -33.82 18.19
N GLU B 139 -1.11 -35.11 18.42
CA GLU B 139 -1.42 -35.77 19.69
C GLU B 139 -0.58 -35.14 20.81
N LEU B 140 0.73 -35.06 20.57
CA LEU B 140 1.66 -34.48 21.53
C LEU B 140 1.42 -32.99 21.71
N TYR B 141 1.01 -32.31 20.63
CA TYR B 141 0.69 -30.89 20.69
C TYR B 141 -0.54 -30.62 21.57
N ASN B 142 -1.62 -31.35 21.31
CA ASN B 142 -2.88 -31.20 22.05
C ASN B 142 -2.77 -31.54 23.52
N LYS B 143 -1.92 -32.52 23.83
CA LYS B 143 -1.74 -33.00 25.19
C LYS B 143 -0.76 -32.13 25.98
N ALA B 144 0.23 -31.55 25.30
CA ALA B 144 1.17 -30.62 25.92
C ALA B 144 0.45 -29.37 26.43
N LEU B 145 -0.49 -28.87 25.63
CA LEU B 145 -1.34 -27.74 26.01
C LEU B 145 -2.22 -28.12 27.21
N GLU B 146 -2.77 -29.33 27.16
CA GLU B 146 -3.60 -29.87 28.24
C GLU B 146 -2.78 -30.09 29.53
N LYS B 147 -1.47 -30.28 29.37
CA LYS B 147 -0.57 -30.43 30.53
C LYS B 147 0.03 -29.09 31.00
N GLY B 148 -0.43 -27.99 30.43
CA GLY B 148 -0.05 -26.65 30.89
C GLY B 148 1.03 -25.92 30.12
N ILE B 149 1.58 -26.59 29.09
CA ILE B 149 2.62 -25.99 28.25
C ILE B 149 2.02 -24.94 27.32
N ALA B 150 2.50 -23.71 27.42
CA ALA B 150 2.03 -22.60 26.60
C ALA B 150 3.21 -21.84 26.01
N LYS B 151 1.36 -22.81 24.56
CA LYS B 151 1.20 -22.55 23.10
C LYS B 151 2.48 -22.32 22.29
N GLU B 152 3.18 -21.23 22.60
CA GLU B 152 4.37 -20.82 21.85
C GLU B 152 5.59 -21.72 22.03
N CYS B 153 5.50 -22.65 22.99
CA CYS B 153 6.52 -23.70 23.16
C CYS B 153 6.10 -24.98 22.45
N ALA B 154 4.81 -25.30 22.56
CA ALA B 154 4.24 -26.49 21.94
C ALA B 154 4.30 -26.38 20.42
N ARG B 155 4.08 -25.17 19.91
CA ARG B 155 4.15 -24.85 18.48
C ARG B 155 5.39 -25.41 17.78
N PHE B 156 6.52 -25.41 18.48
CA PHE B 156 7.82 -25.77 17.91
C PHE B 156 7.96 -27.22 17.45
N ILE B 157 7.12 -28.10 17.98
CA ILE B 157 7.13 -29.52 17.60
C ILE B 157 6.29 -29.81 16.34
N LEU B 158 5.54 -28.81 15.90
CA LEU B 158 4.72 -28.95 14.69
C LEU B 158 5.58 -29.01 13.43
N PRO B 159 5.19 -29.87 12.46
CA PRO B 159 5.92 -29.97 11.20
C PRO B 159 5.67 -28.77 10.27
N LEU B 160 6.51 -28.64 9.23
CA LEU B 160 6.33 -27.59 8.22
C LEU B 160 5.10 -27.83 7.36
N SER B 161 4.53 -29.03 7.44
CA SER B 161 3.32 -29.39 6.70
C SER B 161 2.05 -28.86 7.36
N THR B 162 2.19 -28.36 8.59
CA THR B 162 1.09 -27.74 9.33
C THR B 162 0.43 -26.61 8.54
N PRO B 163 -0.89 -26.69 8.29
CA PRO B 163 -1.61 -25.63 7.60
C PRO B 163 -1.53 -24.29 8.32
N THR B 164 -1.58 -23.21 7.56
CA THR B 164 -1.56 -21.86 8.14
C THR B 164 -2.41 -20.90 7.31
N THR B 165 -2.86 -19.84 7.98
CA THR B 165 -3.61 -18.78 7.34
C THR B 165 -2.84 -17.48 7.55
N ILE B 166 -2.56 -16.78 6.46
CA ILE B 166 -1.90 -15.46 6.53
C ILE B 166 -2.61 -14.45 5.63
N TYR B 167 -2.50 -13.17 5.99
CA TYR B 167 -2.86 -12.10 5.07
C TYR B 167 -1.59 -11.72 4.33
N MET B 168 -1.74 -11.45 3.04
CA MET B 168 -0.67 -10.93 2.23
C MET B 168 -1.18 -9.66 1.56
N SER B 169 -0.50 -8.54 1.85
CA SER B 169 -0.90 -7.23 1.33
C SER B 169 0.23 -6.54 0.57
N GLY B 170 -0.09 -5.96 -0.57
CA GLY B 170 0.91 -5.21 -1.32
C GLY B 170 0.29 -4.47 -2.47
N THR B 171 1.08 -3.61 -3.11
CA THR B 171 0.62 -2.85 -4.25
C THR B 171 0.41 -3.79 -5.44
N ILE B 172 -0.28 -3.30 -6.46
CA ILE B 172 -0.57 -4.09 -7.65
C ILE B 172 0.74 -4.39 -8.42
N ARG B 173 1.67 -3.44 -8.45
CA ARG B 173 3.03 -3.69 -8.98
C ARG B 173 3.65 -4.95 -8.39
N ASP B 174 3.55 -5.08 -7.07
CA ASP B 174 4.24 -6.17 -6.40
C ASP B 174 3.54 -7.50 -6.62
N TRP B 175 2.20 -7.46 -6.68
CA TRP B 175 1.39 -8.62 -7.00
C TRP B 175 1.73 -9.15 -8.38
N ILE B 176 1.92 -8.23 -9.31
CA ILE B 176 2.30 -8.59 -10.68
C ILE B 176 3.56 -9.45 -10.76
N HIS B 177 4.62 -9.02 -10.07
CA HIS B 177 5.91 -9.69 -10.19
C HIS B 177 6.02 -10.91 -9.27
N TYR B 178 5.20 -10.97 -8.23
CA TYR B 178 5.14 -12.14 -7.37
C TYR B 178 4.45 -13.27 -8.14
N ILE B 179 3.28 -12.97 -8.70
CA ILE B 179 2.49 -13.93 -9.49
C ILE B 179 3.26 -14.48 -10.71
N GLU B 180 3.84 -13.62 -11.54
CA GLU B 180 4.66 -14.05 -12.69
C GLU B 180 5.81 -14.97 -12.31
N LEU B 181 6.46 -14.69 -11.17
CA LEU B 181 7.59 -15.49 -10.71
C LEU B 181 7.15 -16.84 -10.18
N ARG B 182 6.18 -16.82 -9.26
CA ARG B 182 5.77 -18.01 -8.52
C ARG B 182 4.76 -18.91 -9.26
N THR B 183 4.38 -18.52 -10.48
CA THR B 183 3.67 -19.42 -11.39
C THR B 183 4.59 -19.96 -12.50
N SER B 184 5.91 -19.77 -12.34
CA SER B 184 6.90 -20.25 -13.32
C SER B 184 7.44 -21.62 -12.97
N ASN B 185 7.98 -22.31 -13.97
CA ASN B 185 8.57 -23.65 -13.80
C ASN B 185 9.48 -23.80 -12.57
N GLY B 186 10.36 -22.81 -12.38
CA GLY B 186 11.42 -22.86 -11.38
C GLY B 186 11.03 -22.86 -9.91
N THR B 187 9.74 -22.71 -9.63
CA THR B 187 9.22 -22.75 -8.25
C THR B 187 8.45 -24.04 -8.02
N GLN B 188 8.41 -24.49 -6.76
CA GLN B 188 7.83 -25.79 -6.44
C GLN B 188 6.30 -25.82 -6.53
N ARG B 189 5.77 -27.00 -6.83
CA ARG B 189 4.36 -27.22 -7.20
C ARG B 189 3.31 -26.54 -6.31
N GLU B 190 3.44 -26.67 -4.99
CA GLU B 190 2.44 -26.13 -4.05
C GLU B 190 2.45 -24.61 -3.98
N HIS B 191 3.60 -24.01 -4.28
CA HIS B 191 3.69 -22.55 -4.40
C HIS B 191 3.06 -22.10 -5.72
N ILE B 192 3.26 -22.89 -6.78
CA ILE B 192 2.63 -22.62 -8.08
C ILE B 192 1.11 -22.57 -7.93
N ASP B 193 0.56 -23.56 -7.23
CA ASP B 193 -0.88 -23.62 -7.00
C ASP B 193 -1.39 -22.42 -6.21
N LEU B 194 -0.64 -22.03 -5.17
CA LEU B 194 -0.97 -20.88 -4.33
C LEU B 194 -0.96 -19.58 -5.13
N ALA B 195 0.11 -19.37 -5.90
CA ALA B 195 0.24 -18.18 -6.74
C ALA B 195 -0.86 -18.11 -7.80
N ASN B 196 -1.30 -19.27 -8.30
CA ASN B 196 -2.37 -19.33 -9.31
C ASN B 196 -3.74 -19.00 -8.73
N ALA B 197 -3.95 -19.37 -7.47
CA ALA B 197 -5.14 -18.95 -6.74
C ALA B 197 -5.18 -17.43 -6.61
N CYS B 198 -4.02 -16.83 -6.35
CA CYS B 198 -3.86 -15.37 -6.31
C CYS B 198 -4.10 -14.74 -7.68
N LYS B 199 -3.58 -15.39 -8.71
CA LYS B 199 -3.68 -14.94 -10.11
C LYS B 199 -5.14 -14.78 -10.57
N GLU B 200 -5.97 -15.77 -10.23
CA GLU B 200 -7.41 -15.77 -10.53
C GLU B 200 -8.17 -14.59 -9.90
N ILE B 201 -7.84 -14.26 -8.65
CA ILE B 201 -8.39 -13.10 -7.96
C ILE B 201 -7.90 -11.78 -8.59
N PHE B 202 -6.61 -11.72 -8.91
CA PHE B 202 -6.02 -10.58 -9.59
C PHE B 202 -6.70 -10.29 -10.94
N ILE B 203 -6.78 -11.32 -11.79
CA ILE B 203 -7.51 -11.26 -13.07
C ILE B 203 -8.95 -10.72 -12.90
N LYS B 204 -9.66 -11.20 -11.90
CA LYS B 204 -11.00 -10.68 -11.61
C LYS B 204 -11.01 -9.18 -11.27
N GLU B 205 -10.10 -8.74 -10.39
CA GLU B 205 -10.09 -7.33 -9.95
C GLU B 205 -9.49 -6.38 -10.98
N PHE B 206 -8.52 -6.89 -11.73
CA PHE B 206 -7.79 -6.07 -12.70
C PHE B 206 -7.81 -6.72 -14.09
N SER B 208 -8.11 -5.36 -17.44
CA SER B 208 -7.28 -4.59 -18.33
C SER B 208 -5.79 -4.80 -18.13
N ILE B 209 -5.34 -4.88 -16.87
CA ILE B 209 -3.95 -5.24 -16.58
C ILE B 209 -3.67 -6.72 -16.87
N ALA B 210 -4.61 -7.60 -16.53
CA ALA B 210 -4.49 -9.02 -16.86
C ALA B 210 -4.42 -9.26 -18.38
N LYS B 211 -5.10 -8.42 -19.16
CA LYS B 211 -4.98 -8.46 -20.62
C LYS B 211 -3.68 -7.80 -21.11
N ALA B 212 -3.33 -6.65 -20.55
CA ALA B 212 -2.05 -6.00 -20.84
C ALA B 212 -0.86 -6.92 -20.63
N LEU B 213 -0.95 -7.80 -19.63
CA LEU B 213 0.13 -8.71 -19.28
C LEU B 213 0.07 -10.02 -20.06
N ASP B 214 -0.92 -10.12 -20.94
CA ASP B 214 -1.21 -11.31 -21.72
C ASP B 214 -1.47 -12.54 -20.83
N TRP B 215 -2.10 -12.30 -19.66
CA TRP B 215 -2.49 -13.41 -18.79
C TRP B 215 -3.77 -14.07 -19.29
#